data_6DLR
#
_entry.id   6DLR
#
_cell.length_a   83.520
_cell.length_b   92.677
_cell.length_c   74.487
_cell.angle_alpha   90.00
_cell.angle_beta   121.21
_cell.angle_gamma   90.00
#
_symmetry.space_group_name_H-M   'C 1 2 1'
#
loop_
_entity.id
_entity.type
_entity.pdbx_description
1 polymer 'PRPP Riboswitch'
2 non-polymer 1-O-pyrophosphono-5-O-phosphono-alpha-D-ribofuranose
3 non-polymer 'IRIDIUM HEXAMMINE ION'
4 non-polymer 'MAGNESIUM ION'
5 non-polymer 'ACETATE ION'
6 non-polymer 'POTASSIUM ION'
7 water water
#
_entity_poly.entity_id   1
_entity_poly.type   'polyribonucleotide'
_entity_poly.pdbx_seq_one_letter_code
;GGAAAGUGUGUCUAGGGUUCCGCGUGCUUCGGCACGGACUGGUCCAAGUGACACAGACGCAUUCGUGCGUUACACCGGAG
GGAUAGAAGCCCAGGCGGGUAGGUUU(CCC)
;
_entity_poly.pdbx_strand_id   A
#